data_5WSH
#
_entry.id   5WSH
#
_cell.length_a   112.159
_cell.length_b   78.675
_cell.length_c   60.295
_cell.angle_alpha   90.00
_cell.angle_beta   96.93
_cell.angle_gamma   90.00
#
_symmetry.space_group_name_H-M   'C 1 2 1'
#
loop_
_entity.id
_entity.type
_entity.pdbx_description
1 polymer 'HLA class I histocompatibility antigen, A-2 alpha chain'
2 polymer Beta-2-microglobulin
3 polymer GLY-VAL-TRP-ILE-ARG-THR-PRO-THR-ALA
4 non-polymer DI(HYDROXYETHYL)ETHER
5 water water
#
loop_
_entity_poly.entity_id
_entity_poly.type
_entity_poly.pdbx_seq_one_letter_code
_entity_poly.pdbx_strand_id
1 'polypeptide(L)'
;GSHSMRYFFTSVSRPGRGEPRFIAVGYVDDTQFVRFDSDAASQRMEPRAPWIEQEGPEYWDGETRKVKAHSQTHRVDLGT
LRGYYNQSEAGSHTVQRMYGCDVGSDWRFLRGYHQYAYDGKDYIALKEDLRSWTAADMAAQTTKHKWEAAHVAEQLRAYL
EGTCVEWLRRYLENGKETLQRTDAPKTHMTHHAVSDHEATLRCWALSFYPAEITLTWQRDGEDQTQDTELVETRPAGDGT
FQKWVAVVVPSGQEQRYTCHVQHEGLPKPLTLRWE
;
A
2 'polypeptide(L)'
;MIQRTPKIQVYSRHPAENGKSNFLNCYVSGFHPSDIEVDLLKNGERIEKVEHSDLSFSKDWSFYLLYYTEFTPTEKDEYA
CRVNHVTLSQPKIVKWDRDM
;
B
3 'polypeptide(L)' GVWIRTPTA C
#
# COMPACT_ATOMS: atom_id res chain seq x y z
N GLY A 1 -11.66 15.78 8.34
CA GLY A 1 -11.69 15.53 6.91
C GLY A 1 -12.51 14.31 6.56
N SER A 2 -12.39 13.85 5.32
CA SER A 2 -13.08 12.64 4.88
C SER A 2 -12.34 11.38 5.35
N HIS A 3 -13.04 10.25 5.39
CA HIS A 3 -12.45 9.00 5.84
C HIS A 3 -12.90 7.81 5.00
N SER A 4 -12.13 6.73 5.09
CA SER A 4 -12.44 5.50 4.37
C SER A 4 -12.18 4.27 5.22
N MET A 5 -12.93 3.21 4.94
CA MET A 5 -12.58 1.87 5.38
C MET A 5 -12.42 0.99 4.16
N ARG A 6 -11.29 0.30 4.06
CA ARG A 6 -11.01 -0.52 2.87
C ARG A 6 -10.45 -1.87 3.28
N TYR A 7 -10.85 -2.91 2.55
CA TYR A 7 -10.28 -4.24 2.74
C TYR A 7 -9.64 -4.72 1.47
N PHE A 8 -8.46 -5.32 1.60
CA PHE A 8 -7.72 -5.83 0.45
C PHE A 8 -7.48 -7.32 0.63
N PHE A 9 -7.83 -8.10 -0.38
CA PHE A 9 -7.70 -9.56 -0.33
C PHE A 9 -6.87 -10.07 -1.51
N THR A 10 -5.88 -10.90 -1.23
CA THR A 10 -5.08 -11.53 -2.28
C THR A 10 -5.04 -13.04 -2.08
N SER A 11 -5.33 -13.81 -3.13
CA SER A 11 -5.05 -15.24 -3.10
C SER A 11 -4.15 -15.63 -4.28
N VAL A 12 -3.16 -16.47 -3.99
CA VAL A 12 -2.22 -16.96 -5.00
C VAL A 12 -2.23 -18.47 -4.97
N SER A 13 -2.63 -19.09 -6.08
CA SER A 13 -2.75 -20.55 -6.10
C SER A 13 -1.39 -21.23 -6.02
N ARG A 14 -1.36 -22.41 -5.42
CA ARG A 14 -0.15 -23.20 -5.27
C ARG A 14 -0.37 -24.55 -5.93
N PRO A 15 -0.09 -24.62 -7.24
CA PRO A 15 -0.35 -25.84 -8.01
C PRO A 15 0.50 -27.01 -7.53
N GLY A 16 1.68 -26.71 -6.97
CA GLY A 16 2.59 -27.72 -6.50
C GLY A 16 1.99 -28.55 -5.39
N ARG A 17 1.54 -27.88 -4.34
CA ARG A 17 0.90 -28.59 -3.23
C ARG A 17 0.06 -27.65 -2.38
N GLY A 18 -1.16 -28.09 -2.06
CA GLY A 18 -1.97 -27.43 -1.04
C GLY A 18 -2.85 -26.30 -1.51
N GLU A 19 -3.32 -25.51 -0.54
CA GLU A 19 -4.28 -24.43 -0.75
C GLU A 19 -3.58 -23.14 -1.16
N PRO A 20 -4.34 -22.19 -1.74
CA PRO A 20 -3.77 -20.91 -2.11
C PRO A 20 -3.22 -20.14 -0.91
N ARG A 21 -2.16 -19.37 -1.12
CA ARG A 21 -1.75 -18.37 -0.16
C ARG A 21 -2.83 -17.31 -0.12
N PHE A 22 -3.32 -16.98 1.07
CA PHE A 22 -4.39 -16.01 1.21
C PHE A 22 -4.01 -14.94 2.24
N ILE A 23 -4.12 -13.68 1.85
CA ILE A 23 -3.76 -12.58 2.75
C ILE A 23 -4.82 -11.48 2.67
N ALA A 24 -5.37 -11.13 3.82
CA ALA A 24 -6.35 -10.05 3.91
C ALA A 24 -5.82 -8.94 4.79
N VAL A 25 -6.02 -7.70 4.37
CA VAL A 25 -5.61 -6.55 5.19
C VAL A 25 -6.75 -5.55 5.23
N GLY A 26 -6.99 -4.99 6.40
CA GLY A 26 -8.02 -3.99 6.59
C GLY A 26 -7.42 -2.65 6.96
N TYR A 27 -7.95 -1.58 6.36
CA TYR A 27 -7.48 -0.23 6.64
C TYR A 27 -8.61 0.67 7.07
N VAL A 28 -8.31 1.57 8.00
CA VAL A 28 -9.09 2.78 8.16
C VAL A 28 -8.18 3.91 7.73
N ASP A 29 -8.61 4.67 6.72
CA ASP A 29 -7.73 5.66 6.08
C ASP A 29 -6.41 4.99 5.72
N ASP A 30 -5.29 5.50 6.25
CA ASP A 30 -4.00 4.89 5.94
C ASP A 30 -3.47 4.05 7.11
N THR A 31 -4.37 3.63 7.99
CA THR A 31 -3.98 2.82 9.15
C THR A 31 -4.45 1.38 8.99
N GLN A 32 -3.50 0.45 8.88
CA GLN A 32 -3.87 -0.97 8.88
C GLN A 32 -4.33 -1.34 10.28
N PHE A 33 -5.49 -2.00 10.40
CA PHE A 33 -5.95 -2.35 11.73
C PHE A 33 -6.20 -3.85 11.92
N VAL A 34 -6.32 -4.60 10.83
CA VAL A 34 -6.41 -6.06 10.95
C VAL A 34 -5.65 -6.75 9.83
N ARG A 35 -5.37 -8.03 10.05
CA ARG A 35 -4.85 -8.86 8.99
C ARG A 35 -5.24 -10.31 9.19
N PHE A 36 -5.28 -11.05 8.10
CA PHE A 36 -5.32 -12.50 8.14
C PHE A 36 -4.29 -13.01 7.14
N ASP A 37 -3.46 -13.95 7.56
CA ASP A 37 -2.45 -14.53 6.68
C ASP A 37 -2.54 -16.04 6.80
N SER A 38 -2.86 -16.72 5.71
CA SER A 38 -3.03 -18.16 5.73
C SER A 38 -1.75 -18.87 6.15
N ASP A 39 -0.61 -18.21 5.97
CA ASP A 39 0.66 -18.82 6.32
C ASP A 39 0.99 -18.67 7.81
N ALA A 40 0.22 -17.83 8.50
CA ALA A 40 0.45 -17.60 9.93
C ALA A 40 -0.16 -18.72 10.76
N ALA A 41 0.29 -18.85 12.01
CA ALA A 41 -0.11 -19.99 12.83
C ALA A 41 -1.51 -19.83 13.41
N SER A 42 -1.89 -18.61 13.76
CA SER A 42 -3.11 -18.38 14.52
C SER A 42 -4.38 -18.80 13.79
N GLN A 43 -4.39 -18.64 12.46
CA GLN A 43 -5.59 -18.86 11.64
C GLN A 43 -6.76 -18.02 12.12
N ARG A 44 -6.44 -16.85 12.65
CA ARG A 44 -7.43 -15.90 13.13
C ARG A 44 -7.24 -14.56 12.45
N MET A 45 -8.31 -13.78 12.30
CA MET A 45 -8.13 -12.36 12.04
C MET A 45 -7.35 -11.79 13.23
N GLU A 46 -6.28 -11.05 12.96
CA GLU A 46 -5.44 -10.51 14.05
C GLU A 46 -5.47 -8.99 14.07
N PRO A 47 -5.37 -8.39 15.26
CA PRO A 47 -5.30 -6.93 15.41
C PRO A 47 -3.95 -6.34 14.98
N ARG A 48 -3.98 -5.14 14.40
CA ARG A 48 -2.77 -4.47 13.96
C ARG A 48 -2.78 -3.01 14.39
N ALA A 49 -3.79 -2.65 15.18
CA ALA A 49 -3.84 -1.33 15.79
C ALA A 49 -4.42 -1.49 17.19
N PRO A 50 -3.92 -0.67 18.15
CA PRO A 50 -4.37 -0.83 19.54
C PRO A 50 -5.88 -0.65 19.72
N TRP A 51 -6.48 0.28 18.97
CA TRP A 51 -7.87 0.62 19.19
C TRP A 51 -8.85 -0.47 18.74
N ILE A 52 -8.41 -1.36 17.86
CA ILE A 52 -9.28 -2.48 17.47
C ILE A 52 -9.26 -3.56 18.56
N GLU A 53 -8.24 -3.55 19.42
CA GLU A 53 -8.18 -4.52 20.51
C GLU A 53 -9.27 -4.28 21.57
N GLN A 54 -9.94 -3.13 21.48
CA GLN A 54 -11.11 -2.85 22.29
C GLN A 54 -12.25 -3.82 21.97
N GLU A 55 -12.22 -4.40 20.77
CA GLU A 55 -13.27 -5.33 20.39
C GLU A 55 -13.13 -6.64 21.16
N GLY A 56 -14.28 -7.23 21.52
CA GLY A 56 -14.29 -8.46 22.30
C GLY A 56 -14.21 -9.73 21.46
N PRO A 57 -14.26 -10.89 22.12
CA PRO A 57 -14.11 -12.19 21.48
C PRO A 57 -15.12 -12.43 20.36
N GLU A 58 -16.33 -11.90 20.51
CA GLU A 58 -17.36 -12.12 19.51
C GLU A 58 -16.98 -11.43 18.20
N TYR A 59 -16.35 -10.27 18.29
CA TYR A 59 -15.87 -9.58 17.10
C TYR A 59 -14.86 -10.43 16.38
N TRP A 60 -13.86 -10.91 17.11
CA TRP A 60 -12.78 -11.66 16.50
C TRP A 60 -13.23 -13.01 15.94
N ASP A 61 -14.18 -13.66 16.61
CA ASP A 61 -14.75 -14.90 16.06
C ASP A 61 -15.47 -14.62 14.76
N GLY A 62 -16.24 -13.53 14.73
CA GLY A 62 -17.01 -13.19 13.55
C GLY A 62 -16.15 -12.80 12.37
N GLU A 63 -15.13 -11.98 12.62
CA GLU A 63 -14.25 -11.54 11.53
C GLU A 63 -13.45 -12.73 11.01
N THR A 64 -13.06 -13.63 11.90
CA THR A 64 -12.33 -14.81 11.51
C THR A 64 -13.19 -15.71 10.62
N ARG A 65 -14.41 -16.00 11.06
CA ARG A 65 -15.33 -16.80 10.27
C ARG A 65 -15.52 -16.19 8.88
N LYS A 66 -15.80 -14.89 8.83
CA LYS A 66 -16.10 -14.24 7.57
C LYS A 66 -14.88 -14.15 6.65
N VAL A 67 -13.72 -13.86 7.21
CA VAL A 67 -12.53 -13.73 6.37
C VAL A 67 -12.12 -15.12 5.84
N LYS A 68 -12.41 -16.18 6.60
CA LYS A 68 -12.14 -17.53 6.10
C LYS A 68 -13.10 -17.88 4.98
N ALA A 69 -14.33 -17.37 5.08
CA ALA A 69 -15.31 -17.51 4.00
C ALA A 69 -14.82 -16.81 2.73
N HIS A 70 -14.20 -15.63 2.90
CA HIS A 70 -13.57 -14.94 1.76
C HIS A 70 -12.51 -15.85 1.11
N SER A 71 -11.68 -16.48 1.93
CA SER A 71 -10.57 -17.26 1.38
C SER A 71 -11.08 -18.45 0.59
N GLN A 72 -12.16 -19.08 1.06
CA GLN A 72 -12.70 -20.22 0.34
C GLN A 72 -13.29 -19.79 -1.00
N THR A 73 -13.98 -18.65 -1.01
CA THR A 73 -14.51 -18.11 -2.25
C THR A 73 -13.38 -17.87 -3.25
N HIS A 74 -12.29 -17.26 -2.78
CA HIS A 74 -11.11 -17.02 -3.61
C HIS A 74 -10.55 -18.33 -4.15
N ARG A 75 -10.47 -19.35 -3.30
CA ARG A 75 -10.00 -20.66 -3.74
C ARG A 75 -10.88 -21.23 -4.85
N VAL A 76 -12.20 -21.19 -4.62
CA VAL A 76 -13.14 -21.68 -5.61
C VAL A 76 -13.00 -20.88 -6.90
N ASP A 77 -12.87 -19.56 -6.77
CA ASP A 77 -12.74 -18.68 -7.94
C ASP A 77 -11.52 -18.97 -8.79
N LEU A 78 -10.39 -19.24 -8.14
CA LEU A 78 -9.16 -19.60 -8.85
C LEU A 78 -9.41 -20.81 -9.73
N GLY A 79 -10.19 -21.77 -9.23
CA GLY A 79 -10.54 -22.94 -10.00
C GLY A 79 -11.49 -22.62 -11.14
N THR A 80 -12.52 -21.83 -10.83
CA THR A 80 -13.51 -21.42 -11.84
C THR A 80 -12.88 -20.62 -13.00
N LEU A 81 -12.08 -19.61 -12.64
CA LEU A 81 -11.44 -18.75 -13.65
C LEU A 81 -10.43 -19.49 -14.50
N ARG A 82 -9.73 -20.45 -13.89
CA ARG A 82 -8.78 -21.28 -14.65
C ARG A 82 -9.53 -21.99 -15.79
N GLY A 83 -10.73 -22.46 -15.48
CA GLY A 83 -11.58 -23.08 -16.48
C GLY A 83 -12.10 -22.07 -17.49
N TYR A 84 -12.59 -20.93 -17.02
CA TYR A 84 -13.10 -19.88 -17.92
C TYR A 84 -12.05 -19.49 -18.95
N TYR A 85 -10.79 -19.41 -18.52
CA TYR A 85 -9.73 -18.98 -19.41
C TYR A 85 -8.98 -20.15 -20.03
N ASN A 86 -9.53 -21.35 -19.87
CA ASN A 86 -8.96 -22.57 -20.42
C ASN A 86 -7.47 -22.73 -20.11
N GLN A 87 -7.11 -22.44 -18.86
CA GLN A 87 -5.70 -22.49 -18.47
C GLN A 87 -5.31 -23.85 -17.89
N SER A 88 -4.02 -24.16 -17.94
CA SER A 88 -3.49 -25.39 -17.37
C SER A 88 -3.60 -25.44 -15.86
N GLU A 89 -3.52 -26.64 -15.29
CA GLU A 89 -3.52 -26.81 -13.84
C GLU A 89 -2.13 -26.62 -13.24
N ALA A 90 -1.14 -26.41 -14.11
CA ALA A 90 0.25 -26.37 -13.66
C ALA A 90 0.70 -24.99 -13.18
N GLY A 91 0.01 -23.95 -13.63
CA GLY A 91 0.45 -22.60 -13.33
C GLY A 91 -0.15 -22.01 -12.07
N SER A 92 0.58 -21.08 -11.48
CA SER A 92 0.07 -20.30 -10.36
C SER A 92 -0.66 -19.06 -10.88
N HIS A 93 -1.79 -18.73 -10.27
CA HIS A 93 -2.55 -17.55 -10.65
C HIS A 93 -2.99 -16.76 -9.43
N THR A 94 -3.45 -15.53 -9.67
CA THR A 94 -3.73 -14.60 -8.58
C THR A 94 -5.11 -14.02 -8.70
N VAL A 95 -5.81 -13.95 -7.58
CA VAL A 95 -7.04 -13.22 -7.52
C VAL A 95 -6.91 -12.12 -6.47
N GLN A 96 -7.37 -10.92 -6.81
CA GLN A 96 -7.32 -9.77 -5.90
C GLN A 96 -8.68 -9.10 -5.82
N ARG A 97 -9.06 -8.76 -4.59
CA ARG A 97 -10.32 -8.09 -4.31
C ARG A 97 -10.10 -6.92 -3.38
N MET A 98 -10.74 -5.79 -3.67
CA MET A 98 -10.72 -4.64 -2.78
C MET A 98 -12.12 -4.05 -2.72
N TYR A 99 -12.58 -3.73 -1.51
CA TYR A 99 -13.84 -3.03 -1.38
C TYR A 99 -13.83 -2.14 -0.15
N GLY A 100 -14.79 -1.23 -0.10
CA GLY A 100 -14.88 -0.31 1.03
C GLY A 100 -15.76 0.88 0.77
N CYS A 101 -15.78 1.78 1.73
CA CYS A 101 -16.68 2.93 1.71
C CYS A 101 -15.95 4.18 2.17
N ASP A 102 -16.34 5.33 1.61
CA ASP A 102 -15.85 6.65 2.03
C ASP A 102 -16.97 7.43 2.71
N VAL A 103 -16.62 8.17 3.76
CA VAL A 103 -17.55 9.13 4.34
C VAL A 103 -16.91 10.53 4.34
N GLY A 104 -17.74 11.58 4.30
CA GLY A 104 -17.23 12.93 4.27
C GLY A 104 -16.87 13.44 5.66
N SER A 105 -16.51 14.72 5.73
CA SER A 105 -16.22 15.38 7.01
C SER A 105 -17.37 15.22 8.01
N ASP A 106 -18.59 15.20 7.49
CA ASP A 106 -19.78 14.99 8.31
C ASP A 106 -20.03 13.51 8.64
N TRP A 107 -19.10 12.64 8.21
CA TRP A 107 -19.20 11.19 8.41
C TRP A 107 -20.41 10.59 7.70
N ARG A 108 -20.98 11.31 6.76
CA ARG A 108 -22.06 10.78 5.93
C ARG A 108 -21.48 10.01 4.76
N PHE A 109 -22.18 8.97 4.33
CA PHE A 109 -21.74 8.17 3.19
C PHE A 109 -21.43 9.04 1.99
N LEU A 110 -20.29 8.76 1.35
CA LEU A 110 -19.85 9.49 0.18
C LEU A 110 -19.82 8.58 -1.05
N ARG A 111 -19.11 7.46 -0.93
CA ARG A 111 -18.90 6.54 -2.06
C ARG A 111 -18.66 5.13 -1.56
N GLY A 112 -18.93 4.16 -2.44
CA GLY A 112 -18.60 2.77 -2.15
C GLY A 112 -17.88 2.18 -3.35
N TYR A 113 -17.11 1.13 -3.13
CA TYR A 113 -16.44 0.49 -4.26
C TYR A 113 -16.22 -0.99 -3.98
N HIS A 114 -16.06 -1.75 -5.06
CA HIS A 114 -15.79 -3.17 -4.97
C HIS A 114 -15.21 -3.63 -6.30
N GLN A 115 -13.92 -3.93 -6.32
CA GLN A 115 -13.26 -4.33 -7.55
C GLN A 115 -12.53 -5.66 -7.39
N TYR A 116 -12.43 -6.38 -8.50
CA TYR A 116 -11.94 -7.75 -8.52
C TYR A 116 -10.99 -7.90 -9.72
N ALA A 117 -9.85 -8.54 -9.52
CA ALA A 117 -8.89 -8.76 -10.60
C ALA A 117 -8.39 -10.21 -10.64
N TYR A 118 -8.10 -10.67 -11.85
CA TYR A 118 -7.48 -11.98 -12.06
C TYR A 118 -6.15 -11.79 -12.76
N ASP A 119 -5.09 -12.36 -12.18
CA ASP A 119 -3.73 -12.20 -12.70
C ASP A 119 -3.36 -10.74 -13.02
N GLY A 120 -3.79 -9.83 -12.15
CA GLY A 120 -3.36 -8.44 -12.23
C GLY A 120 -4.13 -7.58 -13.21
N LYS A 121 -5.17 -8.14 -13.81
CA LYS A 121 -6.01 -7.41 -14.74
C LYS A 121 -7.43 -7.25 -14.20
N ASP A 122 -8.05 -6.11 -14.48
CA ASP A 122 -9.46 -5.91 -14.17
C ASP A 122 -10.27 -7.13 -14.58
N TYR A 123 -11.10 -7.62 -13.67
CA TYR A 123 -12.03 -8.70 -14.02
C TYR A 123 -13.45 -8.16 -13.94
N ILE A 124 -13.93 -7.88 -12.73
CA ILE A 124 -15.26 -7.28 -12.59
C ILE A 124 -15.22 -6.23 -11.47
N ALA A 125 -15.95 -5.14 -11.65
CA ALA A 125 -16.01 -4.09 -10.65
C ALA A 125 -17.41 -3.49 -10.56
N LEU A 126 -17.81 -3.13 -9.34
CA LEU A 126 -19.06 -2.45 -9.13
C LEU A 126 -18.95 -1.03 -9.66
N LYS A 127 -19.95 -0.56 -10.40
CA LYS A 127 -19.96 0.82 -10.87
C LYS A 127 -20.26 1.79 -9.72
N GLU A 128 -19.98 3.06 -9.95
CA GLU A 128 -20.11 4.10 -8.94
C GLU A 128 -21.53 4.22 -8.38
N ASP A 129 -22.54 3.88 -9.19
CA ASP A 129 -23.92 3.94 -8.72
C ASP A 129 -24.28 2.76 -7.81
N LEU A 130 -23.33 1.83 -7.68
CA LEU A 130 -23.49 0.63 -6.86
C LEU A 130 -24.66 -0.24 -7.31
N ARG A 131 -25.06 -0.11 -8.57
CA ARG A 131 -26.23 -0.84 -9.07
C ARG A 131 -25.91 -1.79 -10.20
N SER A 132 -24.78 -1.58 -10.87
CA SER A 132 -24.39 -2.41 -12.00
C SER A 132 -22.90 -2.74 -11.99
N TRP A 133 -22.52 -3.68 -12.85
CA TRP A 133 -21.16 -4.21 -12.89
C TRP A 133 -20.44 -3.86 -14.18
N THR A 134 -19.13 -3.64 -14.06
CA THR A 134 -18.26 -3.53 -15.23
C THR A 134 -17.48 -4.84 -15.40
N ALA A 135 -17.77 -5.56 -16.47
CA ALA A 135 -17.07 -6.81 -16.78
C ALA A 135 -16.08 -6.57 -17.91
N ALA A 136 -14.81 -6.85 -17.66
CA ALA A 136 -13.75 -6.51 -18.62
C ALA A 136 -13.78 -7.39 -19.88
N ASP A 137 -14.14 -8.66 -19.72
CA ASP A 137 -14.13 -9.59 -20.85
C ASP A 137 -15.28 -10.58 -20.75
N MET A 138 -15.30 -11.58 -21.62
CA MET A 138 -16.43 -12.49 -21.68
C MET A 138 -16.48 -13.48 -20.52
N ALA A 139 -15.32 -13.75 -19.91
CA ALA A 139 -15.31 -14.57 -18.69
C ALA A 139 -15.98 -13.81 -17.56
N ALA A 140 -15.52 -12.59 -17.33
CA ALA A 140 -16.14 -11.71 -16.34
C ALA A 140 -17.63 -11.47 -16.62
N GLN A 141 -18.00 -11.52 -17.88
CA GLN A 141 -19.41 -11.34 -18.27
C GLN A 141 -20.28 -12.47 -17.74
N THR A 142 -19.72 -13.68 -17.71
CA THR A 142 -20.40 -14.83 -17.14
C THR A 142 -20.66 -14.62 -15.64
N THR A 143 -19.64 -14.12 -14.95
CA THR A 143 -19.76 -13.77 -13.53
C THR A 143 -20.81 -12.68 -13.33
N LYS A 144 -20.77 -11.65 -14.17
CA LYS A 144 -21.74 -10.55 -14.09
C LYS A 144 -23.18 -11.07 -14.17
N HIS A 145 -23.44 -11.97 -15.13
CA HIS A 145 -24.78 -12.53 -15.28
C HIS A 145 -25.20 -13.34 -14.05
N LYS A 146 -24.26 -14.12 -13.52
CA LYS A 146 -24.51 -14.89 -12.31
C LYS A 146 -24.85 -13.97 -11.13
N TRP A 147 -24.13 -12.86 -11.02
CA TRP A 147 -24.30 -11.94 -9.90
C TRP A 147 -25.57 -11.11 -10.06
N GLU A 148 -25.96 -10.85 -11.30
CA GLU A 148 -27.21 -10.14 -11.55
C GLU A 148 -28.41 -10.99 -11.14
N ALA A 149 -28.40 -12.26 -11.52
CA ALA A 149 -29.48 -13.17 -11.18
C ALA A 149 -29.59 -13.38 -9.67
N ALA A 150 -28.46 -13.26 -8.98
CA ALA A 150 -28.45 -13.44 -7.53
C ALA A 150 -28.53 -12.11 -6.78
N HIS A 151 -28.69 -11.01 -7.52
CA HIS A 151 -28.80 -9.68 -6.95
C HIS A 151 -27.67 -9.37 -5.98
N VAL A 152 -26.45 -9.71 -6.38
CA VAL A 152 -25.27 -9.44 -5.57
C VAL A 152 -25.04 -7.95 -5.37
N ALA A 153 -25.28 -7.15 -6.39
CA ALA A 153 -25.03 -5.70 -6.30
C ALA A 153 -25.90 -5.06 -5.20
N GLU A 154 -27.15 -5.51 -5.14
CA GLU A 154 -28.09 -5.02 -4.15
C GLU A 154 -27.62 -5.38 -2.75
N GLN A 155 -27.15 -6.61 -2.58
CA GLN A 155 -26.63 -7.05 -1.28
C GLN A 155 -25.38 -6.28 -0.91
N LEU A 156 -24.51 -6.05 -1.90
CA LEU A 156 -23.27 -5.33 -1.67
C LEU A 156 -23.56 -3.89 -1.25
N ARG A 157 -24.55 -3.31 -1.92
CA ARG A 157 -24.96 -1.94 -1.67
C ARG A 157 -25.42 -1.76 -0.22
N ALA A 158 -26.12 -2.76 0.30
CA ALA A 158 -26.57 -2.75 1.68
C ALA A 158 -25.39 -2.71 2.65
N TYR A 159 -24.31 -3.39 2.31
CA TYR A 159 -23.10 -3.33 3.12
C TYR A 159 -22.43 -1.97 2.96
N LEU A 160 -22.07 -1.63 1.72
CA LEU A 160 -21.27 -0.43 1.44
C LEU A 160 -21.90 0.86 1.94
N GLU A 161 -23.21 0.98 1.80
CA GLU A 161 -23.92 2.19 2.21
C GLU A 161 -24.47 2.08 3.62
N GLY A 162 -24.34 0.91 4.23
CA GLY A 162 -24.95 0.69 5.53
C GLY A 162 -23.96 0.23 6.59
N THR A 163 -23.81 -1.08 6.68
CA THR A 163 -22.93 -1.68 7.66
C THR A 163 -21.49 -1.15 7.59
N CYS A 164 -20.98 -0.98 6.38
CA CYS A 164 -19.61 -0.50 6.17
C CYS A 164 -19.40 0.88 6.79
N VAL A 165 -20.37 1.76 6.59
CA VAL A 165 -20.30 3.12 7.12
C VAL A 165 -20.41 3.12 8.64
N GLU A 166 -21.22 2.22 9.19
CA GLU A 166 -21.38 2.11 10.63
C GLU A 166 -20.12 1.57 11.30
N TRP A 167 -19.49 0.57 10.69
CA TRP A 167 -18.20 0.09 11.18
C TRP A 167 -17.17 1.22 11.21
N LEU A 168 -17.07 1.94 10.10
CA LEU A 168 -16.06 2.99 9.96
C LEU A 168 -16.25 4.04 11.05
N ARG A 169 -17.50 4.42 11.31
CA ARG A 169 -17.75 5.41 12.34
C ARG A 169 -17.42 4.88 13.74
N ARG A 170 -17.75 3.62 13.99
CA ARG A 170 -17.35 2.96 15.23
C ARG A 170 -15.84 3.03 15.42
N TYR A 171 -15.09 2.69 14.39
CA TYR A 171 -13.63 2.64 14.48
C TYR A 171 -13.04 4.05 14.67
N LEU A 172 -13.54 5.02 13.90
CA LEU A 172 -13.08 6.40 14.02
C LEU A 172 -13.23 6.92 15.44
N GLU A 173 -14.34 6.55 16.09
CA GLU A 173 -14.59 6.98 17.45
C GLU A 173 -13.65 6.27 18.41
N ASN A 174 -13.60 4.95 18.30
CA ASN A 174 -12.77 4.15 19.19
C ASN A 174 -11.29 4.48 19.06
N GLY A 175 -10.85 4.77 17.84
CA GLY A 175 -9.45 5.10 17.61
C GLY A 175 -9.18 6.58 17.41
N LYS A 176 -10.08 7.44 17.91
CA LYS A 176 -10.00 8.87 17.59
C LYS A 176 -8.65 9.51 17.93
N GLU A 177 -8.02 9.05 19.02
CA GLU A 177 -6.76 9.64 19.47
C GLU A 177 -5.70 9.61 18.37
N THR A 178 -5.72 8.58 17.53
CA THR A 178 -4.77 8.51 16.42
C THR A 178 -5.44 8.70 15.06
N LEU A 179 -6.59 8.04 14.85
CA LEU A 179 -7.28 8.11 13.57
C LEU A 179 -7.69 9.52 13.20
N GLN A 180 -8.00 10.35 14.20
CA GLN A 180 -8.46 11.70 13.94
C GLN A 180 -7.38 12.73 14.24
N ARG A 181 -6.17 12.24 14.47
CA ARG A 181 -5.01 13.12 14.62
C ARG A 181 -4.30 13.26 13.28
N THR A 182 -3.94 14.49 12.91
CA THR A 182 -3.14 14.69 11.71
C THR A 182 -1.71 15.03 12.09
N ASP A 183 -0.77 14.36 11.45
CA ASP A 183 0.64 14.60 11.67
C ASP A 183 1.20 15.34 10.45
N ALA A 184 1.43 16.63 10.61
CA ALA A 184 1.97 17.45 9.53
C ALA A 184 3.39 16.99 9.22
N PRO A 185 3.80 17.07 7.94
CA PRO A 185 5.16 16.62 7.61
C PRO A 185 6.24 17.42 8.33
N LYS A 186 7.25 16.72 8.81
CA LYS A 186 8.45 17.35 9.29
C LYS A 186 9.35 17.56 8.08
N THR A 187 9.58 18.82 7.74
CA THR A 187 10.26 19.14 6.49
C THR A 187 11.65 19.75 6.68
N HIS A 188 12.50 19.48 5.70
CA HIS A 188 13.80 20.13 5.61
C HIS A 188 14.32 19.95 4.20
N MET A 189 15.42 20.64 3.88
CA MET A 189 16.00 20.57 2.55
C MET A 189 17.47 20.21 2.64
N THR A 190 17.92 19.32 1.77
CA THR A 190 19.34 19.00 1.69
C THR A 190 19.90 19.52 0.37
N HIS A 191 21.22 19.71 0.35
CA HIS A 191 21.91 20.27 -0.81
C HIS A 191 23.04 19.32 -1.21
N HIS A 192 23.06 18.93 -2.48
CA HIS A 192 24.14 18.06 -2.96
C HIS A 192 24.75 18.59 -4.25
N ALA A 193 26.04 18.91 -4.18
CA ALA A 193 26.78 19.37 -5.34
C ALA A 193 27.21 18.16 -6.18
N VAL A 194 26.53 17.98 -7.30
CA VAL A 194 26.81 16.84 -8.17
C VAL A 194 28.09 17.07 -8.98
N SER A 195 28.27 18.30 -9.46
CA SER A 195 29.43 18.69 -10.25
C SER A 195 29.82 20.10 -9.86
N ASP A 196 30.71 20.74 -10.62
CA ASP A 196 31.08 22.11 -10.26
C ASP A 196 30.04 23.14 -10.70
N HIS A 197 29.11 22.75 -11.57
CA HIS A 197 28.17 23.75 -12.04
C HIS A 197 26.70 23.41 -11.76
N GLU A 198 26.44 22.20 -11.25
CA GLU A 198 25.07 21.84 -10.90
C GLU A 198 24.97 21.40 -9.45
N ALA A 199 23.82 21.64 -8.84
CA ALA A 199 23.54 21.14 -7.49
C ALA A 199 22.13 20.57 -7.46
N THR A 200 21.93 19.58 -6.62
CA THR A 200 20.61 19.00 -6.40
C THR A 200 20.06 19.47 -5.06
N LEU A 201 18.86 20.07 -5.11
CA LEU A 201 18.15 20.40 -3.89
C LEU A 201 17.09 19.36 -3.65
N ARG A 202 17.04 18.81 -2.44
CA ARG A 202 16.05 17.79 -2.13
C ARG A 202 15.18 18.25 -0.95
N CYS A 203 13.88 18.30 -1.22
CA CYS A 203 12.91 18.74 -0.23
C CYS A 203 12.30 17.52 0.44
N TRP A 204 12.46 17.40 1.75
CA TRP A 204 12.03 16.22 2.50
C TRP A 204 10.74 16.46 3.28
N ALA A 205 9.85 15.48 3.25
CA ALA A 205 8.66 15.48 4.10
C ALA A 205 8.63 14.16 4.86
N LEU A 206 8.71 14.23 6.19
CA LEU A 206 8.86 13.03 7.00
C LEU A 206 7.81 12.95 8.09
N SER A 207 7.50 11.71 8.51
CA SER A 207 6.64 11.45 9.65
C SER A 207 5.25 12.04 9.54
N PHE A 208 4.66 12.06 8.33
CA PHE A 208 3.33 12.64 8.19
C PHE A 208 2.22 11.61 8.09
N TYR A 209 1.01 12.07 8.39
CA TYR A 209 -0.18 11.26 8.34
C TYR A 209 -1.38 12.20 8.22
N PRO A 210 -2.31 11.91 7.29
CA PRO A 210 -2.34 10.74 6.40
C PRO A 210 -1.34 10.82 5.24
N ALA A 211 -1.36 9.83 4.37
CA ALA A 211 -0.35 9.68 3.31
C ALA A 211 -0.44 10.75 2.23
N GLU A 212 -1.64 11.30 2.01
CA GLU A 212 -1.85 12.28 0.95
C GLU A 212 -1.02 13.53 1.21
N ILE A 213 -0.27 13.93 0.19
CA ILE A 213 0.60 15.10 0.30
C ILE A 213 0.96 15.60 -1.10
N THR A 214 1.27 16.88 -1.18
CA THR A 214 1.73 17.47 -2.43
C THR A 214 3.04 18.20 -2.21
N LEU A 215 4.05 17.83 -2.99
CA LEU A 215 5.34 18.51 -2.98
C LEU A 215 5.57 19.09 -4.36
N THR A 216 5.76 20.41 -4.45
CA THR A 216 5.99 21.01 -5.75
C THR A 216 7.18 21.96 -5.67
N TRP A 217 7.94 22.04 -6.77
CA TRP A 217 9.01 23.01 -6.86
C TRP A 217 8.55 24.20 -7.66
N GLN A 218 8.99 25.39 -7.25
CA GLN A 218 8.81 26.58 -8.07
C GLN A 218 10.15 27.25 -8.34
N ARG A 219 10.24 27.94 -9.46
CA ARG A 219 11.41 28.73 -9.82
C ARG A 219 10.94 30.15 -10.04
N ASP A 220 11.49 31.09 -9.27
CA ASP A 220 11.06 32.48 -9.33
C ASP A 220 9.54 32.62 -9.23
N GLY A 221 8.91 31.73 -8.45
CA GLY A 221 7.49 31.81 -8.21
C GLY A 221 6.60 31.10 -9.22
N GLU A 222 7.21 30.35 -10.15
CA GLU A 222 6.44 29.55 -11.11
C GLU A 222 6.81 28.07 -11.02
N ASP A 223 5.80 27.22 -11.23
CA ASP A 223 5.97 25.77 -11.12
C ASP A 223 7.09 25.27 -12.01
N GLN A 224 7.96 24.46 -11.42
CA GLN A 224 9.09 23.87 -12.10
C GLN A 224 8.89 22.36 -12.22
N THR A 225 8.80 21.86 -13.45
CA THR A 225 8.72 20.41 -13.68
C THR A 225 10.01 19.86 -14.28
N GLN A 226 10.63 20.63 -15.16
CA GLN A 226 11.91 20.27 -15.75
C GLN A 226 12.96 19.95 -14.70
N ASP A 227 13.71 18.87 -14.92
CA ASP A 227 14.82 18.48 -14.05
C ASP A 227 14.39 18.28 -12.59
N THR A 228 13.18 17.79 -12.41
CA THR A 228 12.74 17.42 -11.06
C THR A 228 12.53 15.92 -10.94
N GLU A 229 12.58 15.43 -9.71
CA GLU A 229 12.29 14.03 -9.43
C GLU A 229 11.46 13.94 -8.16
N LEU A 230 10.42 13.11 -8.21
CA LEU A 230 9.49 12.94 -7.10
C LEU A 230 9.39 11.45 -6.83
N VAL A 231 9.67 11.01 -5.60
CA VAL A 231 9.51 9.58 -5.31
C VAL A 231 8.11 9.27 -4.83
N GLU A 232 7.72 8.01 -5.00
CA GLU A 232 6.44 7.55 -4.48
C GLU A 232 6.44 7.67 -2.96
N THR A 233 5.30 8.10 -2.42
CA THR A 233 5.14 8.19 -0.97
C THR A 233 5.36 6.80 -0.38
N ARG A 234 6.09 6.76 0.73
CA ARG A 234 6.55 5.48 1.28
C ARG A 234 6.34 5.44 2.80
N PRO A 235 6.10 4.24 3.35
CA PRO A 235 5.89 4.09 4.79
C PRO A 235 7.21 4.21 5.57
N ALA A 236 7.15 4.93 6.68
CA ALA A 236 8.29 5.03 7.59
C ALA A 236 8.46 3.73 8.38
N GLY A 237 7.35 3.03 8.60
CA GLY A 237 7.37 1.79 9.35
C GLY A 237 6.74 1.95 10.73
N ASP A 238 6.48 3.20 11.13
CA ASP A 238 5.86 3.47 12.42
C ASP A 238 4.42 4.01 12.27
N GLY A 239 3.84 3.81 11.08
CA GLY A 239 2.50 4.30 10.80
C GLY A 239 2.49 5.62 10.04
N THR A 240 3.63 6.30 10.00
CA THR A 240 3.69 7.55 9.25
C THR A 240 4.32 7.33 7.88
N PHE A 241 4.40 8.39 7.08
CA PHE A 241 4.84 8.28 5.70
C PHE A 241 5.91 9.30 5.38
N GLN A 242 6.65 9.03 4.29
CA GLN A 242 7.74 9.88 3.85
C GLN A 242 7.63 10.16 2.37
N LYS A 243 8.19 11.29 1.94
CA LYS A 243 8.25 11.61 0.52
C LYS A 243 9.33 12.66 0.31
N TRP A 244 9.94 12.66 -0.86
CA TRP A 244 10.79 13.79 -1.19
C TRP A 244 10.68 14.15 -2.65
N VAL A 245 11.11 15.37 -2.95
CA VAL A 245 11.10 15.87 -4.30
C VAL A 245 12.42 16.62 -4.47
N ALA A 246 13.04 16.48 -5.63
CA ALA A 246 14.33 17.10 -5.85
C ALA A 246 14.33 17.85 -7.16
N VAL A 247 15.24 18.82 -7.27
CA VAL A 247 15.42 19.59 -8.49
C VAL A 247 16.92 19.83 -8.71
N VAL A 248 17.36 19.76 -9.96
CA VAL A 248 18.73 20.10 -10.28
C VAL A 248 18.78 21.57 -10.72
N VAL A 249 19.68 22.32 -10.13
CA VAL A 249 19.75 23.76 -10.37
C VAL A 249 21.19 24.17 -10.66
N PRO A 250 21.37 25.29 -11.38
CA PRO A 250 22.74 25.81 -11.56
C PRO A 250 23.34 26.24 -10.22
N SER A 251 24.61 25.93 -10.00
CA SER A 251 25.26 26.28 -8.75
C SER A 251 25.25 27.78 -8.55
N GLY A 252 24.83 28.22 -7.36
CA GLY A 252 24.75 29.64 -7.06
C GLY A 252 23.37 30.21 -7.27
N GLN A 253 22.48 29.44 -7.89
CA GLN A 253 21.13 29.91 -8.15
C GLN A 253 20.10 29.23 -7.25
N GLU A 254 20.57 28.56 -6.20
CA GLU A 254 19.68 27.81 -5.30
C GLU A 254 18.55 28.68 -4.75
N GLN A 255 18.84 29.96 -4.50
CA GLN A 255 17.92 30.89 -3.86
C GLN A 255 16.64 31.12 -4.67
N ARG A 256 16.72 30.92 -5.98
CA ARG A 256 15.56 31.09 -6.88
C ARG A 256 14.46 30.07 -6.66
N TYR A 257 14.82 28.93 -6.08
CA TYR A 257 13.94 27.79 -6.03
C TYR A 257 13.26 27.63 -4.68
N THR A 258 11.98 27.30 -4.69
CA THR A 258 11.24 27.06 -3.44
C THR A 258 10.48 25.75 -3.51
N CYS A 259 10.47 25.03 -2.39
CA CYS A 259 9.69 23.80 -2.29
C CYS A 259 8.38 24.11 -1.56
N HIS A 260 7.27 23.64 -2.11
CA HIS A 260 5.96 23.94 -1.55
C HIS A 260 5.26 22.68 -1.08
N VAL A 261 4.85 22.66 0.19
CA VAL A 261 4.33 21.46 0.83
C VAL A 261 2.88 21.64 1.24
N GLN A 262 2.01 20.80 0.72
CA GLN A 262 0.60 20.83 1.12
C GLN A 262 0.20 19.53 1.78
N HIS A 263 -0.46 19.64 2.94
CA HIS A 263 -0.87 18.49 3.72
C HIS A 263 -1.99 18.89 4.65
N GLU A 264 -2.92 17.96 4.88
CA GLU A 264 -4.08 18.23 5.74
C GLU A 264 -3.67 18.74 7.13
N GLY A 265 -2.50 18.31 7.59
CA GLY A 265 -2.01 18.69 8.91
C GLY A 265 -1.43 20.09 8.96
N LEU A 266 -1.38 20.75 7.81
CA LEU A 266 -0.85 22.11 7.71
C LEU A 266 -1.99 23.11 7.57
N PRO A 267 -2.07 24.09 8.48
CA PRO A 267 -3.05 25.18 8.37
C PRO A 267 -2.81 26.00 7.10
N LYS A 268 -1.54 26.30 6.82
CA LYS A 268 -1.15 26.91 5.57
C LYS A 268 -0.05 26.07 4.91
N PRO A 269 -0.02 26.03 3.57
CA PRO A 269 1.12 25.38 2.90
C PRO A 269 2.46 25.92 3.37
N LEU A 270 3.45 25.03 3.43
CA LEU A 270 4.81 25.40 3.79
C LEU A 270 5.61 25.78 2.55
N THR A 271 6.56 26.70 2.73
CA THR A 271 7.50 27.04 1.66
C THR A 271 8.92 26.92 2.18
N LEU A 272 9.75 26.15 1.51
CA LEU A 272 11.14 26.02 1.90
C LEU A 272 12.03 26.57 0.81
N ARG A 273 13.16 27.13 1.20
CA ARG A 273 14.12 27.63 0.23
C ARG A 273 15.54 27.57 0.79
N TRP A 274 16.49 27.17 -0.04
CA TRP A 274 17.88 27.05 0.39
C TRP A 274 18.53 28.43 0.46
N GLU A 275 18.93 28.83 1.65
CA GLU A 275 19.62 30.10 1.85
C GLU A 275 20.68 29.99 2.94
N MET B 1 0.88 -14.16 -17.95
CA MET B 1 0.20 -13.11 -17.18
CA MET B 1 0.25 -13.14 -17.12
C MET B 1 0.92 -11.79 -17.32
N ILE B 2 0.45 -10.78 -16.58
CA ILE B 2 1.11 -9.48 -16.60
C ILE B 2 2.37 -9.56 -15.76
N GLN B 3 3.37 -8.78 -16.13
CA GLN B 3 4.61 -8.76 -15.38
C GLN B 3 5.03 -7.32 -15.17
N ARG B 4 5.04 -6.90 -13.91
CA ARG B 4 5.45 -5.56 -13.58
C ARG B 4 6.64 -5.60 -12.64
N THR B 5 7.68 -4.86 -13.02
CA THR B 5 8.95 -4.85 -12.32
C THR B 5 8.85 -4.02 -11.05
N PRO B 6 9.44 -4.48 -9.95
CA PRO B 6 9.33 -3.72 -8.70
C PRO B 6 10.13 -2.43 -8.71
N LYS B 7 9.53 -1.37 -8.18
CA LYS B 7 10.29 -0.18 -7.80
C LYS B 7 10.89 -0.45 -6.44
N ILE B 8 12.12 0.00 -6.23
CA ILE B 8 12.83 -0.24 -4.97
C ILE B 8 13.26 1.09 -4.35
N GLN B 9 12.90 1.31 -3.09
CA GLN B 9 13.44 2.42 -2.31
C GLN B 9 14.11 1.88 -1.04
N VAL B 10 15.34 2.30 -0.81
CA VAL B 10 16.10 1.90 0.38
C VAL B 10 16.39 3.12 1.24
N TYR B 11 16.03 3.05 2.51
CA TYR B 11 16.06 4.24 3.37
C TYR B 11 15.91 3.89 4.84
N SER B 12 16.30 4.81 5.72
CA SER B 12 16.12 4.62 7.14
C SER B 12 14.84 5.29 7.59
N ARG B 13 14.24 4.77 8.65
CA ARG B 13 13.01 5.34 9.18
C ARG B 13 13.26 6.77 9.64
N HIS B 14 14.39 6.97 10.32
CA HIS B 14 14.76 8.28 10.84
C HIS B 14 16.06 8.72 10.20
N PRO B 15 16.28 10.05 10.11
CA PRO B 15 17.57 10.59 9.68
C PRO B 15 18.69 9.90 10.44
N ALA B 16 19.69 9.40 9.73
CA ALA B 16 20.64 8.49 10.33
C ALA B 16 21.76 9.20 11.09
N GLU B 17 22.04 8.72 12.29
CA GLU B 17 23.21 9.14 13.05
C GLU B 17 24.00 7.94 13.50
N ASN B 18 25.31 7.96 13.29
CA ASN B 18 26.17 6.88 13.76
C ASN B 18 25.99 6.65 15.25
N GLY B 19 25.88 5.38 15.64
CA GLY B 19 25.77 5.02 17.04
C GLY B 19 24.35 5.07 17.57
N LYS B 20 23.41 5.55 16.76
CA LYS B 20 22.02 5.67 17.21
C LYS B 20 21.08 4.71 16.50
N SER B 21 20.42 3.87 17.29
CA SER B 21 19.51 2.85 16.78
C SER B 21 18.47 3.45 15.84
N ASN B 22 18.12 2.66 14.82
CA ASN B 22 17.28 3.14 13.72
C ASN B 22 16.65 1.93 13.06
N PHE B 23 15.99 2.15 11.93
CA PHE B 23 15.41 1.05 11.18
C PHE B 23 15.77 1.19 9.71
N LEU B 24 16.21 0.10 9.10
CA LEU B 24 16.55 0.06 7.69
C LEU B 24 15.38 -0.50 6.91
N ASN B 25 14.88 0.28 5.95
CA ASN B 25 13.71 -0.10 5.16
C ASN B 25 14.04 -0.40 3.72
N CYS B 26 13.40 -1.43 3.19
CA CYS B 26 13.38 -1.62 1.74
C CYS B 26 11.93 -1.69 1.31
N TYR B 27 11.48 -0.65 0.60
CA TYR B 27 10.11 -0.61 0.13
C TYR B 27 10.04 -1.02 -1.33
N VAL B 28 9.37 -2.14 -1.59
CA VAL B 28 9.18 -2.59 -2.97
C VAL B 28 7.72 -2.42 -3.35
N SER B 29 7.49 -1.85 -4.53
CA SER B 29 6.14 -1.53 -4.96
C SER B 29 6.00 -1.61 -6.46
N GLY B 30 4.76 -1.53 -6.94
CA GLY B 30 4.51 -1.53 -8.37
C GLY B 30 4.79 -2.84 -9.08
N PHE B 31 4.86 -3.94 -8.35
CA PHE B 31 5.18 -5.21 -8.99
C PHE B 31 4.02 -6.20 -9.10
N HIS B 32 4.20 -7.15 -10.00
CA HIS B 32 3.22 -8.21 -10.23
C HIS B 32 3.95 -9.28 -11.05
N PRO B 33 3.79 -10.56 -10.69
CA PRO B 33 2.99 -11.13 -9.60
C PRO B 33 3.61 -10.86 -8.22
N SER B 34 2.95 -11.35 -7.17
CA SER B 34 3.34 -10.98 -5.80
C SER B 34 4.56 -11.75 -5.31
N ASP B 35 4.89 -12.86 -5.95
CA ASP B 35 6.06 -13.64 -5.56
C ASP B 35 7.34 -12.82 -5.75
N ILE B 36 8.08 -12.62 -4.66
CA ILE B 36 9.25 -11.76 -4.69
C ILE B 36 10.23 -12.17 -3.59
N GLU B 37 11.52 -12.00 -3.86
CA GLU B 37 12.57 -12.24 -2.88
C GLU B 37 13.23 -10.93 -2.53
N VAL B 38 13.23 -10.58 -1.25
CA VAL B 38 13.88 -9.35 -0.79
C VAL B 38 14.80 -9.61 0.38
N ASP B 39 16.05 -9.23 0.24
CA ASP B 39 17.00 -9.33 1.34
C ASP B 39 17.63 -7.98 1.65
N LEU B 40 17.88 -7.74 2.93
CA LEU B 40 18.66 -6.60 3.35
C LEU B 40 20.10 -7.05 3.55
N LEU B 41 21.04 -6.31 2.97
CA LEU B 41 22.45 -6.70 3.04
C LEU B 41 23.26 -5.74 3.91
N LYS B 42 24.10 -6.30 4.79
CA LYS B 42 25.10 -5.52 5.51
C LYS B 42 26.48 -5.90 5.01
N ASN B 43 27.17 -4.94 4.39
CA ASN B 43 28.45 -5.19 3.74
C ASN B 43 28.40 -6.45 2.87
N GLY B 44 27.34 -6.56 2.06
CA GLY B 44 27.20 -7.67 1.13
C GLY B 44 26.65 -8.95 1.72
N GLU B 45 26.54 -9.02 3.04
CA GLU B 45 26.03 -10.22 3.69
C GLU B 45 24.56 -10.07 4.05
N ARG B 46 23.81 -11.16 3.91
CA ARG B 46 22.38 -11.16 4.21
C ARG B 46 22.11 -10.99 5.71
N ILE B 47 21.24 -10.04 6.04
CA ILE B 47 20.79 -9.85 7.41
C ILE B 47 19.67 -10.85 7.71
N GLU B 48 19.78 -11.57 8.83
CA GLU B 48 18.87 -12.67 9.11
C GLU B 48 17.53 -12.24 9.72
N LYS B 49 17.55 -11.33 10.69
CA LYS B 49 16.29 -10.95 11.33
C LYS B 49 15.62 -9.80 10.59
N VAL B 50 14.99 -10.11 9.46
CA VAL B 50 14.27 -9.11 8.69
C VAL B 50 12.78 -9.43 8.65
N GLU B 51 11.96 -8.42 8.91
CA GLU B 51 10.52 -8.61 8.86
C GLU B 51 9.93 -7.87 7.68
N HIS B 52 8.69 -8.18 7.34
CA HIS B 52 8.03 -7.47 6.25
C HIS B 52 6.56 -7.24 6.58
N SER B 53 6.00 -6.21 5.94
CA SER B 53 4.59 -5.88 6.08
C SER B 53 3.72 -6.95 5.46
N ASP B 54 2.41 -6.85 5.70
CA ASP B 54 1.42 -7.70 5.06
C ASP B 54 1.17 -7.26 3.62
N LEU B 55 1.23 -8.22 2.70
CA LEU B 55 1.02 -7.97 1.29
C LEU B 55 -0.25 -7.17 1.03
N SER B 56 -0.08 -6.05 0.34
CA SER B 56 -1.21 -5.24 -0.06
C SER B 56 -0.94 -4.74 -1.47
N PHE B 57 -1.89 -4.00 -2.04
CA PHE B 57 -1.75 -3.55 -3.41
C PHE B 57 -2.45 -2.21 -3.65
N SER B 58 -2.03 -1.55 -4.73
CA SER B 58 -2.60 -0.26 -5.12
C SER B 58 -3.80 -0.45 -6.02
N LYS B 59 -4.45 0.67 -6.35
CA LYS B 59 -5.65 0.68 -7.19
C LYS B 59 -5.42 0.00 -8.54
N ASP B 60 -4.19 0.07 -9.05
CA ASP B 60 -3.87 -0.50 -10.35
C ASP B 60 -3.47 -1.99 -10.24
N TRP B 61 -3.70 -2.54 -9.04
CA TRP B 61 -3.48 -3.94 -8.67
C TRP B 61 -2.04 -4.31 -8.37
N SER B 62 -1.10 -3.40 -8.59
CA SER B 62 0.31 -3.69 -8.33
C SER B 62 0.57 -3.79 -6.82
N PHE B 63 1.41 -4.75 -6.45
CA PHE B 63 1.67 -5.07 -5.05
C PHE B 63 2.71 -4.18 -4.40
N TYR B 64 2.67 -4.06 -3.08
CA TYR B 64 3.76 -3.43 -2.36
C TYR B 64 4.05 -4.09 -1.03
N LEU B 65 5.31 -4.04 -0.63
CA LEU B 65 5.79 -4.62 0.62
C LEU B 65 6.88 -3.77 1.21
N LEU B 66 6.86 -3.63 2.53
CA LEU B 66 7.95 -3.01 3.27
C LEU B 66 8.76 -4.07 3.98
N TYR B 67 10.05 -4.16 3.66
CA TYR B 67 10.95 -5.03 4.41
C TYR B 67 11.79 -4.16 5.34
N TYR B 68 12.01 -4.61 6.57
CA TYR B 68 12.72 -3.78 7.52
C TYR B 68 13.43 -4.55 8.61
N THR B 69 14.45 -3.91 9.18
CA THR B 69 15.18 -4.48 10.30
C THR B 69 15.73 -3.35 11.16
N GLU B 70 15.95 -3.63 12.44
CA GLU B 70 16.62 -2.69 13.31
C GLU B 70 18.10 -2.67 12.99
N PHE B 71 18.70 -1.48 12.96
CA PHE B 71 20.13 -1.40 12.76
C PHE B 71 20.70 -0.13 13.39
N THR B 72 22.00 -0.16 13.65
CA THR B 72 22.69 1.02 14.15
C THR B 72 23.73 1.43 13.13
N PRO B 73 23.46 2.53 12.41
CA PRO B 73 24.36 3.01 11.37
C PRO B 73 25.75 3.31 11.91
N THR B 74 26.77 3.13 11.07
CA THR B 74 28.14 3.49 11.43
C THR B 74 28.81 4.16 10.24
N GLU B 75 30.03 4.64 10.46
CA GLU B 75 30.80 5.31 9.42
C GLU B 75 31.06 4.41 8.21
N LYS B 76 31.51 3.18 8.46
CA LYS B 76 32.04 2.35 7.39
C LYS B 76 31.15 1.17 6.97
N ASP B 77 30.07 0.91 7.71
CA ASP B 77 29.17 -0.16 7.29
C ASP B 77 28.33 0.25 6.09
N GLU B 78 28.23 -0.66 5.12
CA GLU B 78 27.44 -0.42 3.92
C GLU B 78 26.18 -1.29 3.95
N TYR B 79 25.06 -0.70 3.56
CA TYR B 79 23.78 -1.40 3.55
C TYR B 79 23.15 -1.34 2.17
N ALA B 80 22.37 -2.37 1.85
CA ALA B 80 21.76 -2.45 0.54
C ALA B 80 20.54 -3.34 0.59
N CYS B 81 19.72 -3.26 -0.44
CA CYS B 81 18.58 -4.15 -0.60
C CYS B 81 18.77 -4.98 -1.86
N ARG B 82 18.57 -6.29 -1.75
CA ARG B 82 18.69 -7.19 -2.90
C ARG B 82 17.33 -7.79 -3.23
N VAL B 83 16.90 -7.58 -4.48
CA VAL B 83 15.58 -8.02 -4.91
C VAL B 83 15.65 -8.96 -6.11
N ASN B 84 14.92 -10.07 -6.03
CA ASN B 84 14.73 -10.89 -7.22
C ASN B 84 13.24 -11.09 -7.50
N HIS B 85 12.90 -11.21 -8.77
CA HIS B 85 11.52 -11.24 -9.22
C HIS B 85 11.53 -11.79 -10.63
N VAL B 86 10.39 -12.30 -11.10
CA VAL B 86 10.34 -12.92 -12.43
C VAL B 86 10.74 -11.93 -13.52
N THR B 87 10.51 -10.64 -13.27
CA THR B 87 10.83 -9.61 -14.25
C THR B 87 12.33 -9.31 -14.30
N LEU B 88 13.09 -9.88 -13.38
CA LEU B 88 14.53 -9.61 -13.30
C LEU B 88 15.37 -10.82 -13.70
N SER B 89 16.31 -10.61 -14.63
CA SER B 89 17.18 -11.69 -15.10
C SER B 89 18.24 -12.05 -14.06
N GLN B 90 18.46 -11.12 -13.12
CA GLN B 90 19.40 -11.33 -12.02
C GLN B 90 18.94 -10.44 -10.87
N PRO B 91 19.37 -10.77 -9.63
CA PRO B 91 19.00 -9.95 -8.48
C PRO B 91 19.42 -8.49 -8.63
N LYS B 92 18.49 -7.57 -8.40
CA LYS B 92 18.80 -6.15 -8.45
C LYS B 92 19.22 -5.64 -7.06
N ILE B 93 20.41 -5.06 -6.97
CA ILE B 93 20.93 -4.56 -5.70
C ILE B 93 20.87 -3.03 -5.64
N VAL B 94 20.21 -2.51 -4.62
CA VAL B 94 20.12 -1.06 -4.44
C VAL B 94 20.78 -0.68 -3.13
N LYS B 95 21.80 0.17 -3.20
CA LYS B 95 22.56 0.59 -2.03
C LYS B 95 21.80 1.64 -1.24
N TRP B 96 21.89 1.56 0.08
CA TRP B 96 21.37 2.64 0.93
C TRP B 96 22.26 3.86 0.79
N ASP B 97 21.67 4.96 0.37
CA ASP B 97 22.35 6.24 0.27
C ASP B 97 21.82 7.13 1.38
N ARG B 98 22.70 7.54 2.30
CA ARG B 98 22.36 8.45 3.39
C ARG B 98 21.41 9.56 2.94
N ASP B 99 21.71 10.14 1.78
CA ASP B 99 20.93 11.26 1.27
C ASP B 99 19.96 10.87 0.15
N MET B 100 20.49 10.35 -0.96
CA MET B 100 19.63 10.01 -2.09
C MET B 100 18.66 8.89 -1.76
N GLY C 1 -15.41 -3.96 9.92
CA GLY C 1 -15.86 -5.33 9.76
C GLY C 1 -16.07 -5.70 8.30
N VAL C 2 -15.66 -6.92 7.93
CA VAL C 2 -15.74 -7.36 6.54
C VAL C 2 -17.18 -7.72 6.16
N TRP C 3 -17.43 -7.74 4.85
CA TRP C 3 -18.72 -8.11 4.30
C TRP C 3 -19.11 -9.52 4.71
N ILE C 4 -20.37 -9.70 5.06
CA ILE C 4 -20.86 -10.96 5.62
C ILE C 4 -21.09 -11.97 4.50
N ARG C 5 -21.13 -11.53 3.26
CA ARG C 5 -21.33 -12.42 2.12
C ARG C 5 -20.09 -12.44 1.24
N THR C 6 -19.90 -13.51 0.53
CA THR C 6 -18.81 -13.62 -0.44
C THR C 6 -19.21 -14.53 -1.59
N PRO C 7 -20.05 -14.02 -2.50
CA PRO C 7 -20.50 -14.79 -3.67
C PRO C 7 -19.35 -15.25 -4.55
N THR C 8 -19.46 -16.47 -5.08
CA THR C 8 -18.43 -17.00 -5.95
C THR C 8 -18.60 -16.44 -7.35
N ALA C 9 -17.50 -16.36 -8.09
CA ALA C 9 -17.54 -15.82 -9.45
C ALA C 9 -18.05 -16.86 -10.47
#